data_8K19
#
_entry.id   8K19
#
_cell.length_a   1.00
_cell.length_b   1.00
_cell.length_c   1.00
_cell.angle_alpha   90.00
_cell.angle_beta   90.00
_cell.angle_gamma   90.00
#
_symmetry.space_group_name_H-M   'P 1'
#
loop_
_entity.id
_entity.type
_entity.pdbx_description
1 polymer 'ZCP3B4 heavy chain'
2 polymer 'ZCP3B4 light chain'
3 polymer 'Spike protein S1'
#
loop_
_entity_poly.entity_id
_entity_poly.type
_entity_poly.pdbx_seq_one_letter_code
_entity_poly.pdbx_strand_id
1 'polypeptide(L)'
;EVQLVESGGGLVQPGGSLRLSCAASEIIVSSNYMRWVRQAPGKGLEWVSDIYPGGTTYYADSVKGRFSISRDNSKNTMYL
QMSDLRAEDTAVYYCARPIMGGRHGMDVWGQGTTVTVSS
;
A
2 'polypeptide(L)'
;DIQMTQSPASLSASVGDRVTISCQASQDINKYLNWYQHKPGRAPKLLIFDASTLETGVPSRFSGSGSGTHFTLTISSLQP
EDIATYYCLQHDHVPLTFGGGTKVEIK
;
B
3 'polypeptide(L)'
;NLCPFDEVFNATKFPSVYAWERKKISNCVADYSVLYNFTPFSAFKCYGVSATKLNDLCFSNVYADSFVVKGNDVSQIAPG
QTGNIADYNYKLPDDFMGCVLAWNTRKIDATSTGNYNYRYRLFRKSNLKPFERDISTEIYQAGNKPCNGVAGVNCYFPLQ
SYSFRPTYGVGHQPYRVVVLSFELLHAPATVCG
;
E
#
# COMPACT_ATOMS: atom_id res chain seq x y z
N GLU A 1 20.35 17.85 3.52
CA GLU A 1 19.34 17.72 2.45
C GLU A 1 18.83 16.29 2.43
N VAL A 2 17.64 16.07 1.86
CA VAL A 2 17.10 14.72 1.64
C VAL A 2 18.03 13.97 0.69
N GLN A 3 18.53 12.80 1.09
CA GLN A 3 19.48 12.02 0.30
C GLN A 3 19.42 10.54 0.67
N LEU A 4 19.69 9.68 -0.30
CA LEU A 4 20.16 8.30 -0.10
C LEU A 4 21.40 8.04 -0.95
N VAL A 5 22.22 7.08 -0.50
CA VAL A 5 23.41 6.61 -1.22
C VAL A 5 23.35 5.09 -1.36
N GLU A 6 23.32 4.60 -2.60
CA GLU A 6 23.55 3.21 -2.95
C GLU A 6 25.04 2.90 -3.03
N SER A 7 25.41 1.70 -2.58
CA SER A 7 26.79 1.26 -2.52
C SER A 7 26.90 -0.25 -2.48
N GLY A 8 28.09 -0.77 -2.78
CA GLY A 8 28.36 -2.20 -2.83
C GLY A 8 27.98 -2.87 -4.15
N GLY A 9 27.45 -2.15 -5.13
CA GLY A 9 27.20 -2.69 -6.47
C GLY A 9 28.48 -2.87 -7.30
N GLY A 10 28.43 -3.77 -8.28
CA GLY A 10 29.54 -4.15 -9.15
C GLY A 10 29.37 -5.58 -9.67
N LEU A 11 30.47 -6.24 -10.01
CA LEU A 11 30.48 -7.66 -10.43
C LEU A 11 30.46 -8.58 -9.20
N VAL A 12 29.59 -9.59 -9.22
CA VAL A 12 29.61 -10.70 -8.25
C VAL A 12 29.03 -11.96 -8.91
N GLN A 13 29.52 -13.12 -8.48
CA GLN A 13 29.04 -14.40 -8.98
C GLN A 13 27.55 -14.63 -8.66
N PRO A 14 26.87 -15.48 -9.46
CA PRO A 14 25.54 -15.99 -9.16
C PRO A 14 25.40 -16.56 -7.74
N GLY A 15 24.38 -16.11 -7.01
CA GLY A 15 24.19 -16.41 -5.58
C GLY A 15 25.14 -15.72 -4.59
N GLY A 16 25.96 -14.76 -5.05
CA GLY A 16 26.86 -13.97 -4.20
C GLY A 16 26.18 -12.83 -3.43
N SER A 17 26.83 -12.39 -2.35
CA SER A 17 26.26 -11.43 -1.39
C SER A 17 26.99 -10.08 -1.41
N LEU A 18 26.57 -9.17 -2.29
CA LEU A 18 26.98 -7.76 -2.23
C LEU A 18 26.17 -6.88 -1.26
N ARG A 19 24.94 -7.31 -0.91
CA ARG A 19 24.17 -6.77 0.24
C ARG A 19 24.07 -5.24 0.19
N LEU A 20 23.46 -4.72 -0.89
CA LEU A 20 23.49 -3.29 -1.25
C LEU A 20 23.11 -2.42 -0.06
N SER A 21 24.03 -1.54 0.36
CA SER A 21 23.83 -0.68 1.53
C SER A 21 23.28 0.66 1.08
N CYS A 22 22.22 1.11 1.75
CA CYS A 22 21.50 2.34 1.42
C CYS A 22 21.46 3.27 2.63
N ALA A 23 22.57 3.97 2.89
CA ALA A 23 22.68 4.83 4.07
C ALA A 23 21.71 6.02 3.98
N ALA A 24 21.00 6.28 5.08
CA ALA A 24 20.06 7.38 5.21
C ALA A 24 20.55 8.43 6.22
N SER A 25 20.16 9.67 5.99
CA SER A 25 20.26 10.77 6.95
C SER A 25 18.93 11.48 7.04
N GLU A 26 18.73 12.22 8.13
CA GLU A 26 17.54 13.05 8.44
C GLU A 26 16.16 12.33 8.50
N ILE A 27 16.05 11.13 7.92
CA ILE A 27 14.98 10.13 8.12
C ILE A 27 15.56 8.86 8.78
N ILE A 28 14.76 8.12 9.54
CA ILE A 28 15.13 6.90 10.28
C ILE A 28 14.53 5.67 9.58
N VAL A 29 15.36 4.70 9.16
CA VAL A 29 14.91 3.49 8.44
C VAL A 29 13.92 2.62 9.22
N SER A 30 13.95 2.64 10.56
CA SER A 30 13.03 1.90 11.43
C SER A 30 11.58 2.37 11.29
N SER A 31 11.34 3.57 10.76
CA SER A 31 10.04 4.23 10.69
C SER A 31 9.59 4.53 9.26
N ASN A 32 10.20 3.92 8.23
CA ASN A 32 9.92 4.28 6.84
C ASN A 32 9.69 3.10 5.89
N TYR A 33 8.72 3.28 4.98
CA TYR A 33 8.69 2.58 3.69
C TYR A 33 10.03 2.83 2.98
N MET A 34 10.61 1.80 2.39
CA MET A 34 11.78 1.90 1.52
C MET A 34 11.80 0.73 0.55
N ARG A 35 12.20 1.02 -0.69
CA ARG A 35 12.01 0.15 -1.83
C ARG A 35 13.31 0.01 -2.61
N TRP A 36 13.50 -1.18 -3.15
CA TRP A 36 14.44 -1.42 -4.23
C TRP A 36 13.70 -1.42 -5.57
N VAL A 37 14.09 -0.48 -6.42
CA VAL A 37 13.65 -0.37 -7.81
C VAL A 37 14.88 -0.64 -8.66
N ARG A 38 14.80 -1.59 -9.59
CA ARG A 38 15.91 -1.84 -10.52
C ARG A 38 15.52 -1.50 -11.95
N GLN A 39 16.52 -1.54 -12.83
CA GLN A 39 16.36 -1.36 -14.27
C GLN A 39 17.47 -2.10 -15.01
N ALA A 40 17.14 -3.16 -15.74
CA ALA A 40 18.13 -3.76 -16.65
C ALA A 40 18.52 -2.78 -17.78
N PRO A 41 19.76 -2.84 -18.31
CA PRO A 41 20.18 -1.98 -19.43
C PRO A 41 19.23 -2.09 -20.63
N GLY A 42 18.67 -0.96 -21.06
CA GLY A 42 17.69 -0.90 -22.15
C GLY A 42 16.29 -1.45 -21.82
N LYS A 43 15.99 -1.74 -20.55
CA LYS A 43 14.67 -2.15 -20.06
C LYS A 43 13.97 -1.02 -19.28
N GLY A 44 12.66 -1.18 -19.09
CA GLY A 44 11.90 -0.32 -18.19
C GLY A 44 12.27 -0.58 -16.71
N LEU A 45 11.83 0.31 -15.81
CA LEU A 45 11.96 0.05 -14.37
C LEU A 45 11.21 -1.23 -13.97
N GLU A 46 11.62 -1.85 -12.87
CA GLU A 46 10.86 -2.89 -12.19
C GLU A 46 11.00 -2.83 -10.65
N TRP A 47 9.99 -3.36 -9.96
CA TRP A 47 9.98 -3.46 -8.50
C TRP A 47 10.66 -4.75 -8.03
N VAL A 48 11.35 -4.68 -6.90
CA VAL A 48 12.02 -5.81 -6.25
C VAL A 48 11.35 -6.16 -4.92
N SER A 49 11.48 -5.28 -3.92
CA SER A 49 11.00 -5.52 -2.57
C SER A 49 10.70 -4.22 -1.85
N ASP A 50 9.95 -4.31 -0.76
CA ASP A 50 9.52 -3.18 0.07
C ASP A 50 9.45 -3.59 1.55
N ILE A 51 9.68 -2.65 2.47
CA ILE A 51 9.54 -2.85 3.91
C ILE A 51 8.59 -1.80 4.47
N TYR A 52 7.51 -2.24 5.10
CA TYR A 52 6.69 -1.32 5.90
C TYR A 52 7.46 -0.90 7.17
N PRO A 53 7.16 0.27 7.77
CA PRO A 53 7.83 0.72 8.99
C PRO A 53 7.72 -0.22 10.19
N GLY A 54 6.75 -1.14 10.21
CA GLY A 54 6.69 -2.19 11.21
C GLY A 54 7.68 -3.35 11.02
N GLY A 55 8.34 -3.40 9.87
CA GLY A 55 9.29 -4.42 9.44
C GLY A 55 8.73 -5.40 8.40
N THR A 56 7.52 -5.16 7.89
CA THR A 56 6.77 -6.10 7.04
C THR A 56 7.39 -6.28 5.67
N THR A 57 7.66 -7.53 5.30
CA THR A 57 8.42 -7.92 4.11
C THR A 57 7.52 -8.27 2.92
N TYR A 58 7.89 -7.80 1.73
CA TYR A 58 7.29 -8.25 0.46
C TYR A 58 8.33 -8.40 -0.66
N TYR A 59 7.97 -9.21 -1.66
CA TYR A 59 8.84 -9.63 -2.75
C TYR A 59 8.05 -9.70 -4.07
N ALA A 60 8.60 -9.14 -5.14
CA ALA A 60 8.12 -9.36 -6.50
C ALA A 60 8.40 -10.81 -6.94
N ASP A 61 7.61 -11.36 -7.86
CA ASP A 61 7.73 -12.77 -8.24
C ASP A 61 9.05 -13.14 -8.94
N SER A 62 9.67 -12.21 -9.67
CA SER A 62 11.03 -12.37 -10.21
C SER A 62 12.14 -12.41 -9.16
N VAL A 63 11.86 -12.00 -7.91
CA VAL A 63 12.83 -11.94 -6.80
C VAL A 63 12.36 -12.67 -5.54
N LYS A 64 11.23 -13.36 -5.60
CA LYS A 64 10.61 -14.04 -4.45
C LYS A 64 11.42 -15.23 -3.99
N GLY A 65 11.67 -15.31 -2.69
CA GLY A 65 12.45 -16.37 -2.03
C GLY A 65 13.95 -16.34 -2.28
N ARG A 66 14.39 -15.74 -3.40
CA ARG A 66 15.81 -15.55 -3.74
C ARG A 66 16.42 -14.29 -3.10
N PHE A 67 15.70 -13.18 -3.04
CA PHE A 67 16.18 -11.94 -2.40
C PHE A 67 15.52 -11.74 -1.02
N SER A 68 16.16 -10.97 -0.13
CA SER A 68 15.54 -10.52 1.13
C SER A 68 15.92 -9.10 1.53
N ILE A 69 14.92 -8.22 1.64
CA ILE A 69 15.06 -6.83 2.08
C ILE A 69 15.07 -6.74 3.60
N SER A 70 15.92 -5.88 4.13
CA SER A 70 16.21 -5.75 5.57
C SER A 70 16.74 -4.34 5.86
N ARG A 71 16.91 -3.99 7.14
CA ARG A 71 17.36 -2.66 7.56
C ARG A 71 18.09 -2.73 8.90
N ASP A 72 19.01 -1.81 9.12
CA ASP A 72 19.69 -1.64 10.41
C ASP A 72 19.25 -0.29 11.01
N ASN A 73 18.41 -0.38 12.04
CA ASN A 73 17.83 0.77 12.72
C ASN A 73 18.91 1.63 13.41
N SER A 74 19.99 1.01 13.90
CA SER A 74 21.10 1.70 14.58
C SER A 74 22.02 2.46 13.62
N LYS A 75 22.23 1.91 12.43
CA LYS A 75 23.06 2.53 11.36
C LYS A 75 22.28 3.38 10.38
N ASN A 76 20.96 3.40 10.52
CA ASN A 76 20.07 4.14 9.65
C ASN A 76 20.24 3.79 8.16
N THR A 77 20.27 2.50 7.85
CA THR A 77 20.54 2.01 6.49
C THR A 77 19.68 0.80 6.12
N MET A 78 19.37 0.65 4.85
CA MET A 78 18.64 -0.50 4.30
C MET A 78 19.61 -1.44 3.57
N TYR A 79 19.38 -2.76 3.67
CA TYR A 79 20.14 -3.79 2.98
C TYR A 79 19.23 -4.76 2.24
N LEU A 80 19.54 -5.05 0.96
CA LEU A 80 18.95 -6.18 0.22
C LEU A 80 20.00 -7.26 0.04
N GLN A 81 19.90 -8.35 0.80
CA GLN A 81 20.67 -9.55 0.48
C GLN A 81 20.06 -10.17 -0.78
N MET A 82 20.94 -10.56 -1.69
CA MET A 82 20.56 -11.26 -2.92
C MET A 82 21.19 -12.65 -2.86
N SER A 83 20.41 -13.67 -3.21
CA SER A 83 20.81 -15.08 -3.32
C SER A 83 20.18 -15.64 -4.60
N ASP A 84 20.74 -16.71 -5.14
CA ASP A 84 20.40 -17.25 -6.49
C ASP A 84 20.33 -16.16 -7.58
N LEU A 85 21.31 -15.23 -7.58
CA LEU A 85 21.47 -14.23 -8.66
C LEU A 85 21.63 -14.92 -10.03
N ARG A 86 21.21 -14.25 -11.11
CA ARG A 86 21.18 -14.80 -12.48
C ARG A 86 21.59 -13.76 -13.51
N ALA A 87 21.71 -14.16 -14.78
CA ALA A 87 22.04 -13.25 -15.88
C ALA A 87 21.05 -12.08 -16.03
N GLU A 88 19.76 -12.32 -15.79
CA GLU A 88 18.72 -11.27 -15.75
C GLU A 88 18.77 -10.35 -14.51
N ASP A 89 19.58 -10.68 -13.49
CA ASP A 89 19.79 -9.83 -12.32
C ASP A 89 20.88 -8.75 -12.52
N THR A 90 21.40 -8.62 -13.75
CA THR A 90 22.22 -7.46 -14.18
C THR A 90 21.35 -6.23 -14.41
N ALA A 91 21.41 -5.26 -13.51
CA ALA A 91 20.57 -4.06 -13.53
C ALA A 91 21.13 -2.90 -12.69
N VAL A 92 20.57 -1.71 -12.87
CA VAL A 92 20.82 -0.52 -12.04
C VAL A 92 19.80 -0.46 -10.91
N TYR A 93 20.24 -0.75 -9.69
CA TYR A 93 19.43 -0.83 -8.47
C TYR A 93 19.47 0.52 -7.74
N TYR A 94 18.30 1.11 -7.55
CA TYR A 94 18.06 2.33 -6.77
C TYR A 94 17.42 1.96 -5.43
N CYS A 95 17.83 2.61 -4.35
CA CYS A 95 17.07 2.65 -3.10
C CYS A 95 16.31 3.97 -2.98
N ALA A 96 15.00 3.88 -2.81
CA ALA A 96 14.15 5.06 -2.80
C ALA A 96 12.85 4.80 -2.01
N ARG A 97 12.18 5.87 -1.63
CA ARG A 97 11.03 5.87 -0.74
C ARG A 97 9.81 6.42 -1.46
N PRO A 98 8.79 5.60 -1.71
CA PRO A 98 7.42 6.07 -1.82
C PRO A 98 7.02 6.70 -0.48
N ILE A 99 6.52 7.94 -0.48
CA ILE A 99 5.97 8.55 0.73
C ILE A 99 4.90 7.62 1.25
N MET A 100 5.07 7.26 2.52
CA MET A 100 4.16 6.38 3.21
C MET A 100 2.72 6.90 3.15
N GLY A 101 1.78 5.98 2.91
CA GLY A 101 0.35 6.26 2.93
C GLY A 101 -0.34 6.29 1.58
N GLY A 102 0.41 6.03 0.51
CA GLY A 102 -0.08 5.86 -0.85
C GLY A 102 -0.44 7.16 -1.56
N ARG A 103 -1.11 8.10 -0.88
CA ARG A 103 -1.52 9.39 -1.45
C ARG A 103 -0.38 10.10 -2.17
N HIS A 104 0.76 10.26 -1.50
CA HIS A 104 1.86 11.11 -1.94
C HIS A 104 2.92 10.35 -2.76
N GLY A 105 3.75 11.09 -3.51
CA GLY A 105 4.72 10.53 -4.46
C GLY A 105 5.93 9.90 -3.76
N MET A 106 7.03 9.70 -4.49
CA MET A 106 8.21 8.98 -4.02
C MET A 106 9.39 9.93 -3.78
N ASP A 107 9.42 10.49 -2.57
CA ASP A 107 10.14 11.72 -2.21
C ASP A 107 11.66 11.53 -2.08
N VAL A 108 12.07 10.48 -1.37
CA VAL A 108 13.48 10.24 -1.06
C VAL A 108 14.05 9.30 -2.12
N TRP A 109 15.20 9.67 -2.69
CA TRP A 109 15.87 8.92 -3.75
C TRP A 109 17.39 8.87 -3.51
N GLY A 110 18.00 7.79 -4.00
CA GLY A 110 19.43 7.71 -4.27
C GLY A 110 19.72 7.64 -5.78
N GLN A 111 20.99 7.81 -6.13
CA GLN A 111 21.46 7.86 -7.54
C GLN A 111 21.53 6.48 -8.21
N GLY A 112 21.47 5.40 -7.42
CA GLY A 112 21.51 4.01 -7.87
C GLY A 112 22.92 3.49 -8.15
N THR A 113 23.04 2.16 -8.18
CA THR A 113 24.28 1.45 -8.53
C THR A 113 24.01 0.31 -9.51
N THR A 114 24.95 0.00 -10.40
CA THR A 114 24.79 -1.16 -11.30
C THR A 114 25.39 -2.40 -10.65
N VAL A 115 24.60 -3.45 -10.52
CA VAL A 115 25.13 -4.80 -10.25
C VAL A 115 25.16 -5.56 -11.57
N THR A 116 26.34 -6.04 -11.94
CA THR A 116 26.52 -6.87 -13.14
C THR A 116 26.75 -8.33 -12.73
N VAL A 117 26.11 -9.24 -13.44
CA VAL A 117 26.17 -10.69 -13.22
C VAL A 117 26.63 -11.32 -14.53
N SER A 118 27.91 -11.69 -14.58
CA SER A 118 28.53 -12.35 -15.72
C SER A 118 29.60 -13.34 -15.25
N SER A 119 29.89 -14.33 -16.09
CA SER A 119 30.95 -15.33 -15.89
C SER A 119 32.33 -14.76 -16.21
N ASP B 1 -0.38 -11.15 -12.22
CA ASP B 1 -0.12 -9.75 -11.79
C ASP B 1 -1.01 -8.72 -12.54
N ILE B 2 -0.91 -7.45 -12.18
CA ILE B 2 -1.60 -6.38 -12.83
C ILE B 2 -0.79 -5.86 -14.02
N GLN B 3 -1.31 -6.06 -15.23
CA GLN B 3 -0.68 -5.57 -16.45
C GLN B 3 -1.05 -4.12 -16.72
N MET B 4 -0.18 -3.45 -17.48
CA MET B 4 -0.43 -2.12 -18.03
C MET B 4 0.04 -2.02 -19.48
N THR B 5 -0.50 -1.03 -20.20
CA THR B 5 -0.03 -0.65 -21.54
C THR B 5 0.25 0.84 -21.57
N GLN B 6 1.51 1.23 -21.83
CA GLN B 6 1.86 2.61 -22.19
C GLN B 6 1.73 2.80 -23.70
N SER B 7 1.17 3.94 -24.12
CA SER B 7 1.09 4.32 -25.53
C SER B 7 1.47 5.79 -25.72
N PRO B 8 2.30 6.10 -26.75
CA PRO B 8 3.19 5.18 -27.50
C PRO B 8 4.42 4.76 -26.67
N ALA B 9 5.26 3.86 -27.17
CA ALA B 9 6.56 3.51 -26.54
C ALA B 9 7.67 4.56 -26.76
N SER B 10 7.53 5.37 -27.79
CA SER B 10 8.37 6.53 -28.05
C SER B 10 7.63 7.51 -28.98
N LEU B 11 7.89 8.80 -28.84
CA LEU B 11 7.29 9.86 -29.66
C LEU B 11 8.28 11.02 -29.84
N SER B 12 8.10 11.76 -30.93
CA SER B 12 8.94 12.91 -31.27
C SER B 12 8.06 14.07 -31.73
N ALA B 13 8.31 15.27 -31.23
CA ALA B 13 7.55 16.47 -31.57
C ALA B 13 8.42 17.74 -31.44
N SER B 14 7.99 18.85 -32.02
CA SER B 14 8.72 20.12 -31.94
C SER B 14 8.58 20.78 -30.56
N VAL B 15 9.45 21.73 -30.25
CA VAL B 15 9.42 22.49 -28.98
C VAL B 15 8.03 23.14 -28.78
N GLY B 16 7.44 22.95 -27.60
CA GLY B 16 6.12 23.48 -27.25
C GLY B 16 4.92 22.61 -27.65
N ASP B 17 5.07 21.56 -28.45
CA ASP B 17 3.97 20.63 -28.77
C ASP B 17 3.46 19.91 -27.51
N ARG B 18 2.13 19.76 -27.40
CA ARG B 18 1.48 19.07 -26.28
C ARG B 18 1.87 17.58 -26.28
N VAL B 19 2.45 17.10 -25.19
CA VAL B 19 2.77 15.67 -25.03
C VAL B 19 1.67 14.98 -24.23
N THR B 20 1.26 13.81 -24.71
CA THR B 20 0.21 12.99 -24.12
C THR B 20 0.67 11.54 -24.12
N ILE B 21 0.79 10.94 -22.94
CA ILE B 21 1.18 9.54 -22.76
C ILE B 21 0.08 8.86 -21.95
N SER B 22 -0.48 7.76 -22.46
CA SER B 22 -1.53 7.02 -21.76
C SER B 22 -0.97 5.84 -20.98
N CYS B 23 -1.76 5.34 -20.02
CA CYS B 23 -1.47 4.14 -19.24
C CYS B 23 -2.78 3.41 -18.93
N GLN B 24 -2.95 2.20 -19.46
CA GLN B 24 -4.16 1.38 -19.28
C GLN B 24 -3.90 0.25 -18.28
N ALA B 25 -4.68 0.14 -17.20
CA ALA B 25 -4.61 -0.92 -16.19
C ALA B 25 -5.66 -2.02 -16.40
N SER B 26 -5.39 -3.23 -15.87
CA SER B 26 -6.31 -4.38 -15.96
C SER B 26 -7.55 -4.32 -15.05
N GLN B 27 -7.62 -3.40 -14.09
CA GLN B 27 -8.74 -3.23 -13.14
C GLN B 27 -8.78 -1.79 -12.61
N ASP B 28 -9.85 -1.38 -11.91
CA ASP B 28 -9.86 -0.06 -11.24
C ASP B 28 -8.67 0.10 -10.27
N ILE B 29 -7.95 1.19 -10.46
CA ILE B 29 -6.78 1.58 -9.69
C ILE B 29 -6.93 2.93 -8.98
N ASN B 30 -8.13 3.51 -8.90
CA ASN B 30 -8.38 4.76 -8.16
C ASN B 30 -7.52 5.93 -8.68
N LYS B 31 -6.42 6.27 -7.97
CA LYS B 31 -5.57 7.45 -8.15
C LYS B 31 -4.11 7.28 -7.66
N TYR B 32 -3.73 6.13 -7.12
CA TYR B 32 -2.43 6.00 -6.44
C TYR B 32 -1.27 5.64 -7.39
N LEU B 33 -1.54 5.33 -8.66
CA LEU B 33 -0.55 5.34 -9.73
C LEU B 33 0.06 6.73 -9.90
N ASN B 34 1.39 6.76 -10.04
CA ASN B 34 2.15 7.99 -10.24
C ASN B 34 2.88 7.94 -11.59
N TRP B 35 3.24 9.14 -12.07
CA TRP B 35 4.06 9.31 -13.26
C TRP B 35 5.51 9.67 -12.89
N TYR B 36 6.47 9.12 -13.65
CA TYR B 36 7.91 9.19 -13.37
C TYR B 36 8.68 9.57 -14.63
N GLN B 37 9.58 10.55 -14.51
CA GLN B 37 10.56 10.96 -15.52
C GLN B 37 11.91 10.27 -15.30
N HIS B 38 12.29 9.39 -16.21
CA HIS B 38 13.59 8.72 -16.24
C HIS B 38 14.54 9.36 -17.25
N LYS B 39 15.53 10.11 -16.75
CA LYS B 39 16.64 10.63 -17.58
C LYS B 39 17.82 9.66 -17.52
N PRO B 40 18.46 9.33 -18.65
CA PRO B 40 19.71 8.56 -18.66
C PRO B 40 20.78 9.22 -17.78
N GLY B 41 21.40 8.44 -16.88
CA GLY B 41 22.40 8.95 -15.92
C GLY B 41 21.84 9.80 -14.77
N ARG B 42 20.52 9.83 -14.54
CA ARG B 42 19.90 10.38 -13.33
C ARG B 42 19.02 9.33 -12.65
N ALA B 43 18.78 9.53 -11.36
CA ALA B 43 17.63 8.95 -10.67
C ALA B 43 16.30 9.42 -11.31
N PRO B 44 15.35 8.50 -11.60
CA PRO B 44 14.01 8.87 -12.06
C PRO B 44 13.29 9.82 -11.09
N LYS B 45 12.68 10.88 -11.62
CA LYS B 45 12.03 11.96 -10.86
C LYS B 45 10.51 11.83 -10.93
N LEU B 46 9.82 12.22 -9.87
CA LEU B 46 8.35 12.21 -9.81
C LEU B 46 7.74 13.35 -10.61
N LEU B 47 6.49 13.14 -11.02
CA LEU B 47 5.69 14.10 -11.76
C LEU B 47 4.40 14.45 -11.02
N ILE B 48 3.60 13.44 -10.69
CA ILE B 48 2.26 13.62 -10.10
C ILE B 48 2.02 12.54 -9.06
N PHE B 49 1.49 12.93 -7.90
CA PHE B 49 1.06 11.96 -6.87
C PHE B 49 -0.45 12.11 -6.73
N ASP B 50 -1.15 11.08 -6.28
CA ASP B 50 -2.64 11.13 -6.21
C ASP B 50 -3.20 11.25 -7.64
N ALA B 51 -2.34 11.05 -8.66
CA ALA B 51 -2.77 11.09 -10.07
C ALA B 51 -3.63 12.35 -10.33
N SER B 52 -3.28 13.48 -9.72
CA SER B 52 -4.04 14.74 -9.93
C SER B 52 -3.40 15.90 -9.16
N THR B 53 -2.19 15.70 -8.62
CA THR B 53 -1.53 16.73 -7.80
C THR B 53 -0.04 16.81 -8.09
N LEU B 54 0.44 18.02 -8.38
CA LEU B 54 1.85 18.29 -8.68
C LEU B 54 2.69 18.19 -7.40
N GLU B 55 3.70 17.32 -7.39
CA GLU B 55 4.68 17.32 -6.31
C GLU B 55 5.50 18.63 -6.29
N THR B 56 5.78 19.10 -5.07
CA THR B 56 6.53 20.34 -4.84
C THR B 56 7.94 20.20 -5.40
N GLY B 57 8.33 21.11 -6.28
CA GLY B 57 9.58 20.99 -7.04
C GLY B 57 9.48 20.17 -8.33
N VAL B 58 8.29 19.67 -8.70
CA VAL B 58 8.01 19.24 -10.08
C VAL B 58 7.69 20.46 -10.96
N PRO B 59 8.21 20.55 -12.21
CA PRO B 59 7.91 21.64 -13.12
C PRO B 59 6.42 21.72 -13.50
N SER B 60 5.88 22.94 -13.59
CA SER B 60 4.47 23.21 -13.94
C SER B 60 4.03 22.79 -15.35
N ARG B 61 4.99 22.51 -16.24
CA ARG B 61 4.73 21.88 -17.54
C ARG B 61 4.12 20.49 -17.43
N PHE B 62 4.44 19.73 -16.37
CA PHE B 62 3.81 18.45 -16.08
C PHE B 62 2.43 18.63 -15.47
N SER B 63 1.52 17.75 -15.85
CA SER B 63 0.18 17.65 -15.28
C SER B 63 -0.38 16.24 -15.51
N GLY B 64 -1.31 15.80 -14.67
CA GLY B 64 -1.90 14.46 -14.76
C GLY B 64 -3.39 14.49 -14.43
N SER B 65 -4.13 13.53 -14.98
CA SER B 65 -5.54 13.30 -14.67
C SER B 65 -5.97 11.87 -15.05
N GLY B 66 -7.21 11.53 -14.68
CA GLY B 66 -7.91 10.30 -15.00
C GLY B 66 -8.43 9.59 -13.76
N SER B 67 -9.02 8.41 -13.94
CA SER B 67 -9.55 7.53 -12.88
C SER B 67 -9.96 6.18 -13.48
N GLY B 68 -10.15 5.16 -12.64
CA GLY B 68 -10.56 3.84 -13.10
C GLY B 68 -9.37 3.07 -13.64
N THR B 69 -9.34 2.84 -14.95
CA THR B 69 -8.27 2.07 -15.62
C THR B 69 -7.42 2.90 -16.60
N HIS B 70 -7.93 4.05 -17.05
CA HIS B 70 -7.20 4.91 -17.98
C HIS B 70 -6.57 6.06 -17.22
N PHE B 71 -5.32 6.37 -17.57
CA PHE B 71 -4.63 7.57 -17.10
C PHE B 71 -3.91 8.26 -18.24
N THR B 72 -3.68 9.56 -18.06
CA THR B 72 -3.04 10.41 -19.07
C THR B 72 -2.05 11.37 -18.41
N LEU B 73 -0.77 11.21 -18.73
CA LEU B 73 0.26 12.23 -18.56
C LEU B 73 0.00 13.34 -19.58
N THR B 74 -0.13 14.58 -19.12
CA THR B 74 -0.27 15.76 -19.98
C THR B 74 0.91 16.70 -19.75
N ILE B 75 1.65 17.04 -20.80
CA ILE B 75 2.57 18.20 -20.78
C ILE B 75 1.98 19.28 -21.68
N SER B 76 1.72 20.46 -21.11
CA SER B 76 1.04 21.56 -21.81
C SER B 76 1.97 22.35 -22.75
N SER B 77 3.27 22.37 -22.44
CA SER B 77 4.34 22.98 -23.25
C SER B 77 5.63 22.16 -23.11
N LEU B 78 6.05 21.49 -24.18
CA LEU B 78 7.28 20.69 -24.22
C LEU B 78 8.52 21.58 -24.13
N GLN B 79 9.51 21.21 -23.29
CA GLN B 79 10.74 21.98 -23.10
C GLN B 79 12.01 21.19 -23.47
N PRO B 80 13.12 21.86 -23.88
CA PRO B 80 14.38 21.18 -24.22
C PRO B 80 14.96 20.33 -23.10
N GLU B 81 14.78 20.74 -21.85
CA GLU B 81 15.23 19.96 -20.70
C GLU B 81 14.36 18.71 -20.39
N ASP B 82 13.33 18.39 -21.18
CA ASP B 82 12.44 17.24 -20.90
C ASP B 82 12.82 15.92 -21.56
N ILE B 83 13.88 15.90 -22.37
CA ILE B 83 14.34 14.69 -23.08
C ILE B 83 14.64 13.57 -22.07
N ALA B 84 13.73 12.61 -22.01
CA ALA B 84 13.68 11.54 -21.01
C ALA B 84 12.75 10.41 -21.48
N THR B 85 12.84 9.25 -20.83
CA THR B 85 11.78 8.22 -20.88
C THR B 85 10.80 8.43 -19.71
N TYR B 86 9.52 8.13 -19.89
CA TYR B 86 8.51 8.24 -18.84
C TYR B 86 7.90 6.89 -18.48
N TYR B 87 7.47 6.74 -17.23
CA TYR B 87 6.84 5.54 -16.68
C TYR B 87 5.56 5.88 -15.92
N CYS B 88 4.62 4.94 -15.90
CA CYS B 88 3.41 4.95 -15.06
C CYS B 88 3.46 3.78 -14.04
N LEU B 89 4.22 3.94 -12.95
CA LEU B 89 4.21 2.93 -11.88
C LEU B 89 2.91 3.04 -11.08
N GLN B 90 2.26 1.90 -10.86
CA GLN B 90 1.28 1.75 -9.80
C GLN B 90 1.90 1.20 -8.51
N HIS B 91 1.52 1.82 -7.39
CA HIS B 91 1.59 1.17 -6.07
C HIS B 91 0.17 0.93 -5.49
N ASP B 92 -0.85 0.88 -6.34
CA ASP B 92 -2.28 0.83 -6.00
C ASP B 92 -2.68 -0.41 -5.19
N HIS B 93 -2.29 -1.61 -5.65
CA HIS B 93 -2.46 -2.89 -4.93
C HIS B 93 -1.28 -3.82 -5.21
N VAL B 94 -0.94 -4.68 -4.24
CA VAL B 94 0.02 -5.79 -4.43
C VAL B 94 -0.54 -6.78 -5.47
N PRO B 95 0.26 -7.30 -6.43
CA PRO B 95 1.67 -6.98 -6.69
C PRO B 95 1.84 -5.61 -7.35
N LEU B 96 2.84 -4.85 -6.88
CA LEU B 96 3.16 -3.55 -7.46
C LEU B 96 3.90 -3.71 -8.79
N THR B 97 3.49 -2.98 -9.82
CA THR B 97 3.97 -3.16 -11.20
C THR B 97 4.31 -1.83 -11.87
N PHE B 98 5.50 -1.74 -12.47
CA PHE B 98 5.98 -0.56 -13.20
C PHE B 98 5.43 -0.47 -14.63
N GLY B 99 5.32 0.75 -15.15
CA GLY B 99 4.92 1.02 -16.52
C GLY B 99 5.96 0.63 -17.58
N GLY B 100 5.49 0.42 -18.81
CA GLY B 100 6.31 -0.11 -19.91
C GLY B 100 7.36 0.84 -20.52
N GLY B 101 7.22 2.15 -20.30
CA GLY B 101 8.12 3.18 -20.83
C GLY B 101 7.59 3.93 -22.05
N THR B 102 7.87 5.23 -22.10
CA THR B 102 7.61 6.11 -23.24
C THR B 102 8.70 7.17 -23.38
N LYS B 103 9.58 7.07 -24.37
CA LYS B 103 10.65 8.06 -24.61
C LYS B 103 10.15 9.22 -25.47
N VAL B 104 10.25 10.45 -24.96
CA VAL B 104 10.02 11.67 -25.76
C VAL B 104 11.36 12.21 -26.27
N GLU B 105 11.39 12.63 -27.53
CA GLU B 105 12.48 13.37 -28.14
C GLU B 105 11.97 14.64 -28.82
N ILE B 106 12.81 15.67 -28.87
CA ILE B 106 12.50 16.90 -29.63
C ILE B 106 13.04 16.75 -31.06
N LYS B 107 12.21 17.16 -32.03
CA LYS B 107 12.50 17.13 -33.46
C LYS B 107 13.44 18.27 -33.90
N ASN C 1 -32.89 -14.77 27.13
CA ASN C 1 -32.93 -13.50 26.38
C ASN C 1 -32.14 -13.66 25.10
N LEU C 2 -32.70 -13.27 23.95
CA LEU C 2 -31.98 -13.29 22.67
C LEU C 2 -30.74 -12.38 22.74
N CYS C 3 -29.66 -12.78 22.09
CA CYS C 3 -28.46 -11.96 21.98
C CYS C 3 -28.72 -10.71 21.12
N PRO C 4 -28.21 -9.53 21.52
CA PRO C 4 -28.48 -8.26 20.82
C PRO C 4 -27.59 -8.07 19.57
N PHE C 5 -27.67 -8.99 18.63
CA PHE C 5 -26.87 -8.96 17.39
C PHE C 5 -27.39 -7.96 16.33
N ASP C 6 -28.62 -7.48 16.49
CA ASP C 6 -29.17 -6.42 15.64
C ASP C 6 -28.55 -5.04 15.95
N GLU C 7 -28.24 -4.77 17.22
CA GLU C 7 -27.58 -3.55 17.69
C GLU C 7 -26.18 -3.36 17.10
N VAL C 8 -25.49 -4.46 16.77
CA VAL C 8 -24.09 -4.45 16.31
C VAL C 8 -23.93 -4.50 14.79
N PHE C 9 -24.99 -4.82 14.03
CA PHE C 9 -24.92 -5.02 12.56
C PHE C 9 -25.76 -4.04 11.75
N ASN C 10 -26.99 -3.74 12.19
CA ASN C 10 -27.82 -2.69 11.58
C ASN C 10 -27.57 -1.30 12.20
N ALA C 11 -26.54 -1.16 13.04
CA ALA C 11 -26.20 0.12 13.67
C ALA C 11 -25.87 1.21 12.62
N THR C 12 -26.32 2.44 12.88
CA THR C 12 -26.16 3.55 11.92
C THR C 12 -24.69 3.93 11.71
N LYS C 13 -23.89 3.86 12.77
CA LYS C 13 -22.48 4.26 12.81
C LYS C 13 -21.64 3.10 13.33
N PHE C 14 -20.58 2.79 12.60
CA PHE C 14 -19.45 2.01 13.12
C PHE C 14 -18.23 2.90 13.29
N PRO C 15 -17.32 2.57 14.21
CA PRO C 15 -16.07 3.30 14.34
C PRO C 15 -15.14 3.02 13.15
N SER C 16 -14.13 3.86 13.01
CA SER C 16 -13.03 3.64 12.06
C SER C 16 -12.24 2.37 12.42
N VAL C 17 -11.63 1.71 11.44
CA VAL C 17 -10.79 0.51 11.69
C VAL C 17 -9.63 0.74 12.66
N TYR C 18 -9.01 1.92 12.72
CA TYR C 18 -7.96 2.16 13.73
C TYR C 18 -8.46 2.25 15.19
N ALA C 19 -9.74 2.56 15.35
CA ALA C 19 -10.41 2.76 16.63
C ALA C 19 -11.57 1.75 16.82
N TRP C 20 -11.45 0.57 16.21
CA TRP C 20 -12.45 -0.51 16.26
C TRP C 20 -12.99 -0.75 17.68
N GLU C 21 -14.31 -0.67 17.86
CA GLU C 21 -14.92 -0.94 19.17
C GLU C 21 -15.17 -2.44 19.34
N ARG C 22 -14.72 -2.96 20.48
CA ARG C 22 -14.90 -4.36 20.87
C ARG C 22 -16.11 -4.47 21.78
N LYS C 23 -17.03 -5.39 21.47
CA LYS C 23 -18.15 -5.74 22.35
C LYS C 23 -18.03 -7.18 22.85
N LYS C 24 -18.05 -7.36 24.17
CA LYS C 24 -18.30 -8.67 24.81
C LYS C 24 -19.78 -9.04 24.72
N ILE C 25 -20.06 -10.27 24.29
CA ILE C 25 -21.47 -10.76 24.23
C ILE C 25 -21.80 -11.44 25.56
N SER C 26 -22.68 -10.83 26.36
CA SER C 26 -23.01 -11.38 27.70
C SER C 26 -23.94 -12.59 27.58
N ASN C 27 -24.37 -13.14 28.73
CA ASN C 27 -25.26 -14.33 28.72
C ASN C 27 -26.48 -14.06 27.85
N CYS C 28 -26.79 -14.96 26.91
CA CYS C 28 -27.90 -14.79 25.98
C CYS C 28 -28.00 -16.01 25.06
N VAL C 29 -29.19 -16.27 24.51
CA VAL C 29 -29.37 -17.29 23.46
C VAL C 29 -29.11 -16.66 22.10
N ALA C 30 -28.18 -17.21 21.33
CA ALA C 30 -27.86 -16.70 19.99
C ALA C 30 -28.83 -17.26 18.95
N ASP C 31 -29.02 -16.52 17.86
CA ASP C 31 -29.73 -16.99 16.66
C ASP C 31 -28.85 -16.74 15.42
N TYR C 32 -28.05 -17.74 15.06
CA TYR C 32 -27.18 -17.66 13.90
C TYR C 32 -27.87 -18.01 12.58
N SER C 33 -29.13 -18.48 12.60
CA SER C 33 -29.94 -18.60 11.37
C SER C 33 -30.24 -17.23 10.72
N VAL C 34 -30.35 -16.18 11.54
CA VAL C 34 -30.41 -14.77 11.11
C VAL C 34 -29.16 -14.32 10.35
N LEU C 35 -28.00 -14.94 10.60
CA LEU C 35 -26.70 -14.49 10.09
C LEU C 35 -26.09 -15.37 9.01
N TYR C 36 -26.68 -16.54 8.75
CA TYR C 36 -26.27 -17.44 7.67
C TYR C 36 -27.33 -17.56 6.58
N ASN C 37 -28.59 -17.79 6.93
CA ASN C 37 -29.67 -17.92 5.94
C ASN C 37 -30.02 -16.58 5.28
N PHE C 38 -29.86 -15.47 6.01
CA PHE C 38 -29.83 -14.15 5.41
C PHE C 38 -28.46 -13.88 4.79
N THR C 39 -28.43 -13.35 3.56
CA THR C 39 -27.22 -13.31 2.73
C THR C 39 -26.93 -11.92 2.14
N PRO C 40 -26.82 -10.83 2.93
CA PRO C 40 -26.46 -9.51 2.43
C PRO C 40 -24.95 -9.33 2.18
N PHE C 41 -24.13 -10.35 2.47
CA PHE C 41 -22.66 -10.25 2.50
C PHE C 41 -22.02 -10.42 1.13
N SER C 42 -20.98 -9.62 0.88
CA SER C 42 -20.02 -9.80 -0.21
C SER C 42 -18.93 -10.84 0.10
N ALA C 43 -18.54 -10.95 1.36
CA ALA C 43 -17.65 -12.00 1.87
C ALA C 43 -18.24 -12.52 3.18
N PHE C 44 -18.37 -13.83 3.27
CA PHE C 44 -18.84 -14.52 4.47
C PHE C 44 -18.08 -15.83 4.59
N LYS C 45 -16.98 -15.82 5.35
CA LYS C 45 -16.07 -16.98 5.45
C LYS C 45 -15.60 -17.12 6.88
N CYS C 46 -15.70 -18.34 7.40
CA CYS C 46 -15.38 -18.63 8.79
C CYS C 46 -14.06 -19.41 8.95
N TYR C 47 -13.40 -19.20 10.09
CA TYR C 47 -12.08 -19.72 10.42
C TYR C 47 -12.21 -20.70 11.60
N GLY C 48 -11.71 -21.92 11.37
CA GLY C 48 -11.85 -23.08 12.26
C GLY C 48 -13.29 -23.68 12.42
N VAL C 49 -14.38 -22.91 12.26
CA VAL C 49 -15.77 -23.42 12.15
C VAL C 49 -16.46 -23.07 10.82
N SER C 50 -17.60 -23.75 10.59
CA SER C 50 -18.39 -23.70 9.36
C SER C 50 -19.48 -22.62 9.43
N ALA C 51 -20.10 -22.33 8.29
CA ALA C 51 -21.27 -21.47 8.13
C ALA C 51 -22.61 -22.05 8.63
N THR C 52 -22.71 -23.36 8.92
CA THR C 52 -23.98 -23.98 9.40
C THR C 52 -23.84 -24.72 10.73
N LYS C 53 -22.68 -25.32 11.00
CA LYS C 53 -22.41 -26.05 12.27
C LYS C 53 -22.27 -25.13 13.50
N LEU C 54 -22.21 -23.81 13.29
CA LEU C 54 -22.13 -22.87 14.42
C LEU C 54 -23.43 -22.78 15.22
N ASN C 55 -24.57 -23.26 14.70
CA ASN C 55 -25.86 -23.25 15.41
C ASN C 55 -25.88 -24.19 16.63
N ASP C 56 -25.55 -25.46 16.41
CA ASP C 56 -25.43 -26.51 17.44
C ASP C 56 -24.05 -26.51 18.11
N LEU C 57 -23.43 -25.33 18.22
CA LEU C 57 -22.15 -25.08 18.87
C LEU C 57 -22.20 -23.76 19.65
N CYS C 58 -21.49 -23.72 20.78
CA CYS C 58 -21.52 -22.56 21.65
C CYS C 58 -20.25 -22.43 22.52
N PHE C 59 -19.99 -21.21 23.00
CA PHE C 59 -18.68 -20.78 23.52
C PHE C 59 -18.83 -19.95 24.81
N SER C 60 -17.73 -19.81 25.57
CA SER C 60 -17.74 -19.13 26.89
C SER C 60 -18.03 -17.64 26.83
N ASN C 61 -17.63 -16.96 25.76
CA ASN C 61 -18.03 -15.60 25.39
C ASN C 61 -17.83 -15.40 23.87
N VAL C 62 -18.36 -14.28 23.36
CA VAL C 62 -18.11 -13.82 22.00
C VAL C 62 -17.57 -12.38 22.07
N TYR C 63 -16.56 -12.05 21.26
CA TYR C 63 -16.17 -10.67 21.00
C TYR C 63 -16.53 -10.24 19.58
N ALA C 64 -17.36 -9.22 19.46
CA ALA C 64 -17.67 -8.56 18.19
C ALA C 64 -16.82 -7.31 18.01
N ASP C 65 -16.06 -7.24 16.91
CA ASP C 65 -15.23 -6.09 16.55
C ASP C 65 -15.81 -5.40 15.32
N SER C 66 -16.52 -4.28 15.50
CA SER C 66 -17.16 -3.54 14.41
C SER C 66 -16.28 -2.42 13.87
N PHE C 67 -16.11 -2.38 12.55
CA PHE C 67 -15.21 -1.42 11.92
C PHE C 67 -15.45 -1.25 10.40
N VAL C 68 -14.75 -0.27 9.82
CA VAL C 68 -14.84 0.06 8.39
C VAL C 68 -13.48 -0.03 7.72
N VAL C 69 -13.40 -0.87 6.70
CA VAL C 69 -12.27 -0.99 5.75
C VAL C 69 -12.78 -0.84 4.32
N LYS C 70 -11.86 -0.87 3.36
CA LYS C 70 -12.16 -0.83 1.93
C LYS C 70 -12.25 -2.27 1.39
N GLY C 71 -13.04 -2.51 0.33
CA GLY C 71 -13.33 -3.88 -0.15
C GLY C 71 -12.12 -4.77 -0.47
N ASN C 72 -11.08 -4.29 -1.17
CA ASN C 72 -9.85 -5.11 -1.35
C ASN C 72 -9.13 -5.38 -0.02
N ASP C 73 -9.16 -4.43 0.91
CA ASP C 73 -8.49 -4.54 2.20
C ASP C 73 -9.24 -5.46 3.20
N VAL C 74 -10.42 -5.95 2.83
CA VAL C 74 -11.05 -7.11 3.47
C VAL C 74 -10.22 -8.38 3.28
N SER C 75 -9.42 -8.49 2.21
CA SER C 75 -8.44 -9.58 2.08
C SER C 75 -7.29 -9.49 3.09
N GLN C 76 -6.99 -8.29 3.60
CA GLN C 76 -6.07 -8.07 4.72
C GLN C 76 -6.71 -8.43 6.08
N ILE C 77 -8.03 -8.68 6.14
CA ILE C 77 -8.70 -9.22 7.34
C ILE C 77 -8.68 -10.75 7.31
N ALA C 78 -7.54 -11.32 7.69
CA ALA C 78 -7.38 -12.75 7.97
C ALA C 78 -6.23 -12.97 8.96
N PRO C 79 -6.19 -14.11 9.68
CA PRO C 79 -4.97 -14.55 10.33
C PRO C 79 -3.84 -14.75 9.31
N GLY C 80 -2.61 -14.38 9.68
CA GLY C 80 -1.45 -14.41 8.79
C GLY C 80 -1.44 -13.35 7.68
N GLN C 81 -2.38 -12.40 7.68
CA GLN C 81 -2.26 -11.20 6.86
C GLN C 81 -1.28 -10.20 7.48
N THR C 82 -0.60 -9.46 6.61
CA THR C 82 0.45 -8.50 6.95
C THR C 82 0.24 -7.16 6.24
N GLY C 83 -0.94 -6.92 5.69
CA GLY C 83 -1.25 -5.67 5.00
C GLY C 83 -1.26 -4.47 5.95
N ASN C 84 -1.36 -3.26 5.39
CA ASN C 84 -1.46 -2.01 6.18
C ASN C 84 -2.59 -2.06 7.23
N ILE C 85 -3.72 -2.69 6.91
CA ILE C 85 -4.82 -2.87 7.86
C ILE C 85 -4.46 -3.85 8.98
N ALA C 86 -3.88 -5.01 8.66
CA ALA C 86 -3.53 -6.01 9.66
C ALA C 86 -2.47 -5.50 10.64
N ASP C 87 -1.36 -4.96 10.13
CA ASP C 87 -0.26 -4.49 10.97
C ASP C 87 -0.58 -3.22 11.75
N TYR C 88 -1.44 -2.32 11.21
CA TYR C 88 -1.65 -0.99 11.78
C TYR C 88 -3.09 -0.65 12.16
N ASN C 89 -4.11 -1.44 11.88
CA ASN C 89 -5.49 -1.08 12.23
C ASN C 89 -6.23 -2.17 12.99
N TYR C 90 -6.22 -3.41 12.52
CA TYR C 90 -6.91 -4.53 13.16
C TYR C 90 -6.29 -5.87 12.75
N LYS C 91 -5.62 -6.52 13.72
CA LYS C 91 -4.87 -7.78 13.53
C LYS C 91 -5.64 -8.95 14.13
N LEU C 92 -6.19 -9.81 13.28
CA LEU C 92 -6.87 -11.05 13.75
C LEU C 92 -5.77 -12.03 14.18
N PRO C 93 -5.77 -12.53 15.43
CA PRO C 93 -4.72 -13.43 15.91
C PRO C 93 -4.63 -14.68 15.03
N ASP C 94 -3.47 -15.36 15.04
CA ASP C 94 -3.33 -16.62 14.27
C ASP C 94 -4.39 -17.61 14.74
N ASP C 95 -4.33 -18.02 16.01
CA ASP C 95 -5.34 -18.93 16.57
C ASP C 95 -6.74 -18.28 16.65
N PHE C 96 -7.05 -17.30 15.79
CA PHE C 96 -8.37 -16.67 15.79
C PHE C 96 -9.48 -17.71 15.55
N MET C 97 -10.42 -17.74 16.48
CA MET C 97 -11.56 -18.62 16.45
C MET C 97 -12.80 -17.77 16.15
N GLY C 98 -13.42 -17.92 14.97
CA GLY C 98 -14.55 -17.05 14.63
C GLY C 98 -14.84 -16.89 13.14
N CYS C 99 -15.86 -16.09 12.85
CA CYS C 99 -16.33 -15.83 11.49
C CYS C 99 -16.17 -14.36 11.11
N VAL C 100 -15.69 -14.11 9.89
CA VAL C 100 -15.54 -12.77 9.31
C VAL C 100 -16.66 -12.51 8.30
N LEU C 101 -17.33 -11.38 8.47
CA LEU C 101 -18.47 -10.97 7.65
C LEU C 101 -18.14 -9.60 7.02
N ALA C 102 -18.35 -9.45 5.70
CA ALA C 102 -18.15 -8.19 4.99
C ALA C 102 -19.30 -7.94 4.00
N TRP C 103 -19.86 -6.74 4.01
CA TRP C 103 -20.97 -6.34 3.13
C TRP C 103 -20.74 -4.93 2.56
N ASN C 104 -21.13 -4.75 1.29
CA ASN C 104 -21.03 -3.45 0.63
C ASN C 104 -22.08 -2.49 1.19
N THR C 105 -21.63 -1.32 1.63
CA THR C 105 -22.50 -0.31 2.24
C THR C 105 -22.33 1.05 1.60
N ARG C 106 -22.04 1.05 0.29
CA ARG C 106 -21.94 2.23 -0.59
C ARG C 106 -23.14 3.20 -0.55
N LYS C 107 -24.32 2.73 -0.12
CA LYS C 107 -25.52 3.55 0.06
C LYS C 107 -25.44 4.53 1.25
N ILE C 108 -24.75 4.16 2.34
CA ILE C 108 -24.76 4.91 3.61
C ILE C 108 -23.36 5.33 4.10
N ASP C 109 -22.30 4.86 3.44
CA ASP C 109 -20.91 5.20 3.79
C ASP C 109 -20.13 5.93 2.67
N ALA C 110 -20.63 5.96 1.43
CA ALA C 110 -20.06 6.74 0.32
C ALA C 110 -20.89 7.99 0.04
N THR C 111 -20.24 9.12 -0.22
CA THR C 111 -20.91 10.38 -0.59
C THR C 111 -20.23 11.09 -1.76
N SER C 112 -20.97 11.91 -2.49
CA SER C 112 -20.43 12.64 -3.64
C SER C 112 -19.40 13.71 -3.27
N THR C 113 -19.46 14.26 -2.05
CA THR C 113 -18.49 15.25 -1.54
C THR C 113 -17.18 14.64 -0.99
N GLY C 114 -17.07 13.31 -0.93
CA GLY C 114 -15.97 12.61 -0.27
C GLY C 114 -16.17 12.46 1.24
N ASN C 115 -16.34 11.23 1.72
CA ASN C 115 -16.44 10.95 3.16
C ASN C 115 -15.02 10.75 3.75
N TYR C 116 -14.59 11.74 4.54
CA TYR C 116 -13.32 11.73 5.29
C TYR C 116 -13.50 11.47 6.81
N ASN C 117 -14.71 11.11 7.26
CA ASN C 117 -14.94 10.75 8.68
C ASN C 117 -14.31 9.39 9.05
N TYR C 118 -14.46 8.38 8.19
CA TYR C 118 -13.79 7.10 8.38
C TYR C 118 -12.28 7.26 8.13
N ARG C 119 -11.49 7.21 9.20
CA ARG C 119 -10.04 7.24 9.15
C ARG C 119 -9.46 5.83 9.26
N TYR C 120 -8.16 5.73 9.04
CA TYR C 120 -7.38 4.52 9.27
C TYR C 120 -5.93 4.94 9.55
N ARG C 121 -5.47 4.64 10.77
CA ARG C 121 -4.18 5.10 11.33
C ARG C 121 -3.07 4.35 10.62
N LEU C 122 -2.61 4.97 9.55
CA LEU C 122 -1.85 4.33 8.49
C LEU C 122 -0.37 4.30 8.79
N PHE C 123 0.11 5.12 9.74
CA PHE C 123 1.51 5.20 10.11
C PHE C 123 1.72 4.71 11.55
N ARG C 124 2.73 3.86 11.78
CA ARG C 124 3.10 3.36 13.12
C ARG C 124 4.54 2.86 13.16
N LYS C 125 5.19 3.08 14.30
CA LYS C 125 6.45 2.43 14.68
C LYS C 125 6.13 1.00 15.11
N SER C 126 6.75 -0.04 14.52
CA SER C 126 6.50 -1.47 14.83
C SER C 126 5.05 -1.95 14.59
N ASN C 127 4.83 -3.28 14.59
CA ASN C 127 3.52 -3.91 14.37
C ASN C 127 2.67 -4.00 15.66
N LEU C 128 1.39 -4.38 15.50
CA LEU C 128 0.44 -4.64 16.58
C LEU C 128 0.44 -6.10 17.04
N LYS C 129 0.27 -6.34 18.36
CA LYS C 129 -0.01 -7.67 18.93
C LYS C 129 -1.45 -8.13 18.61
N PRO C 130 -1.82 -9.42 18.78
CA PRO C 130 -3.20 -9.92 18.63
C PRO C 130 -4.27 -9.05 19.31
N PHE C 131 -5.21 -8.52 18.52
CA PHE C 131 -6.25 -7.60 18.99
C PHE C 131 -5.71 -6.41 19.83
N GLU C 132 -4.55 -5.86 19.46
CA GLU C 132 -4.13 -4.56 19.99
C GLU C 132 -4.96 -3.43 19.37
N ARG C 133 -5.35 -2.46 20.19
CA ARG C 133 -6.04 -1.25 19.78
C ARG C 133 -5.18 -0.05 20.13
N ASP C 134 -4.88 0.77 19.14
CA ASP C 134 -4.04 1.97 19.30
C ASP C 134 -4.66 3.13 18.52
N ILE C 135 -5.23 4.04 19.28
CA ILE C 135 -5.92 5.25 18.83
C ILE C 135 -5.07 6.52 18.98
N SER C 136 -3.80 6.37 19.37
CA SER C 136 -2.91 7.51 19.58
C SER C 136 -2.77 8.35 18.31
N THR C 137 -2.93 9.66 18.45
CA THR C 137 -2.69 10.65 17.39
C THR C 137 -1.27 11.21 17.43
N GLU C 138 -0.35 10.58 18.17
CA GLU C 138 1.04 11.03 18.34
C GLU C 138 1.74 11.16 16.98
N ILE C 139 2.20 12.37 16.65
CA ILE C 139 2.73 12.72 15.33
C ILE C 139 3.76 11.69 14.82
N TYR C 140 3.64 11.25 13.56
CA TYR C 140 4.51 10.20 13.07
C TYR C 140 5.90 10.74 12.72
N GLN C 141 6.84 10.44 13.62
CA GLN C 141 8.25 10.78 13.45
C GLN C 141 8.93 9.75 12.54
N ALA C 142 9.23 10.18 11.32
CA ALA C 142 10.03 9.45 10.37
C ALA C 142 11.53 9.82 10.45
N GLY C 143 11.96 10.80 11.24
CA GLY C 143 13.36 11.30 11.27
C GLY C 143 13.98 11.57 12.64
N ASN C 144 15.29 11.88 12.62
CA ASN C 144 16.10 12.09 13.84
C ASN C 144 15.66 13.32 14.65
N LYS C 145 15.27 14.40 13.95
CA LYS C 145 14.78 15.61 14.61
C LYS C 145 13.43 15.30 15.30
N PRO C 146 13.25 15.66 16.57
CA PRO C 146 11.98 15.44 17.25
C PRO C 146 10.86 16.29 16.62
N CYS C 147 9.70 15.66 16.37
CA CYS C 147 8.54 16.35 15.79
C CYS C 147 7.80 17.21 16.81
N ASN C 148 7.88 16.93 18.11
CA ASN C 148 7.27 17.75 19.18
C ASN C 148 5.75 18.02 19.04
N GLY C 149 5.03 17.17 18.31
CA GLY C 149 3.62 17.39 17.96
C GLY C 149 3.36 18.30 16.74
N VAL C 150 4.38 19.00 16.23
CA VAL C 150 4.31 19.79 14.99
C VAL C 150 4.79 18.98 13.77
N ALA C 151 4.04 19.05 12.68
CA ALA C 151 4.35 18.35 11.43
C ALA C 151 5.44 19.07 10.62
N GLY C 152 5.93 18.43 9.55
CA GLY C 152 6.94 19.02 8.66
C GLY C 152 7.60 17.98 7.76
N VAL C 153 8.82 18.28 7.30
CA VAL C 153 9.70 17.27 6.68
C VAL C 153 9.92 16.13 7.68
N ASN C 154 9.73 14.89 7.24
CA ASN C 154 9.80 13.67 8.05
C ASN C 154 8.85 13.61 9.29
N CYS C 155 7.89 14.53 9.42
CA CYS C 155 6.90 14.52 10.49
C CYS C 155 5.48 14.52 9.90
N TYR C 156 5.00 13.33 9.51
CA TYR C 156 3.70 13.15 8.87
C TYR C 156 2.59 12.82 9.90
N PHE C 157 1.34 13.21 9.63
CA PHE C 157 0.22 12.93 10.55
C PHE C 157 -0.16 11.44 10.55
N PRO C 158 -0.21 10.74 11.70
CA PRO C 158 -0.28 9.28 11.76
C PRO C 158 -1.61 8.69 11.25
N LEU C 159 -2.69 9.46 11.36
CA LEU C 159 -3.96 9.16 10.72
C LEU C 159 -3.90 9.53 9.24
N GLN C 160 -4.42 8.65 8.40
CA GLN C 160 -4.86 9.00 7.04
C GLN C 160 -6.32 8.63 6.89
N SER C 161 -7.03 9.48 6.15
CA SER C 161 -8.49 9.36 6.03
C SER C 161 -8.87 8.64 4.74
N TYR C 162 -9.96 7.87 4.77
CA TYR C 162 -10.58 7.42 3.53
C TYR C 162 -11.17 8.61 2.77
N SER C 163 -11.46 8.39 1.49
CA SER C 163 -12.02 9.39 0.61
C SER C 163 -13.28 8.85 -0.06
N PHE C 164 -14.14 8.17 0.70
CA PHE C 164 -15.16 7.30 0.09
C PHE C 164 -16.11 8.08 -0.82
N ARG C 165 -16.22 7.58 -2.06
CA ARG C 165 -16.99 8.14 -3.17
C ARG C 165 -17.83 7.04 -3.82
N PRO C 166 -19.00 7.36 -4.40
CA PRO C 166 -19.82 6.39 -5.13
C PRO C 166 -19.22 5.95 -6.47
N THR C 167 -18.27 6.73 -7.02
CA THR C 167 -17.70 6.54 -8.38
C THR C 167 -16.47 5.63 -8.41
N TYR C 168 -16.08 5.02 -7.29
CA TYR C 168 -14.96 4.07 -7.25
C TYR C 168 -15.45 2.66 -7.61
N GLY C 169 -14.54 1.79 -8.03
CA GLY C 169 -14.81 0.36 -8.30
C GLY C 169 -15.12 -0.45 -7.03
N VAL C 170 -15.55 -1.70 -7.23
CA VAL C 170 -15.89 -2.62 -6.14
C VAL C 170 -14.73 -2.83 -5.16
N GLY C 171 -13.49 -2.80 -5.66
CA GLY C 171 -12.28 -2.87 -4.83
C GLY C 171 -11.95 -1.62 -4.00
N HIS C 172 -12.69 -0.53 -4.23
CA HIS C 172 -12.46 0.78 -3.63
C HIS C 172 -13.71 1.40 -2.97
N GLN C 173 -14.88 0.78 -3.10
CA GLN C 173 -16.08 1.18 -2.36
C GLN C 173 -15.93 0.93 -0.84
N PRO C 174 -16.64 1.70 0.01
CA PRO C 174 -16.71 1.45 1.46
C PRO C 174 -17.44 0.14 1.78
N TYR C 175 -16.79 -0.71 2.57
CA TYR C 175 -17.32 -1.99 3.02
C TYR C 175 -17.36 -2.01 4.56
N ARG C 176 -18.49 -2.37 5.14
CA ARG C 176 -18.60 -2.60 6.59
C ARG C 176 -18.22 -4.05 6.89
N VAL C 177 -17.45 -4.21 7.96
CA VAL C 177 -16.98 -5.51 8.44
C VAL C 177 -17.26 -5.57 9.94
N VAL C 178 -17.84 -6.68 10.38
CA VAL C 178 -17.88 -7.01 11.80
C VAL C 178 -17.44 -8.46 11.97
N VAL C 179 -16.51 -8.68 12.88
CA VAL C 179 -15.90 -10.00 13.10
C VAL C 179 -16.34 -10.53 14.46
N LEU C 180 -16.90 -11.74 14.46
CA LEU C 180 -17.27 -12.45 15.68
C LEU C 180 -16.11 -13.36 16.07
N SER C 181 -15.63 -13.21 17.29
CA SER C 181 -14.61 -14.06 17.92
C SER C 181 -15.26 -15.03 18.89
N PHE C 182 -14.66 -16.18 19.11
CA PHE C 182 -15.09 -17.22 20.03
C PHE C 182 -13.99 -17.56 21.01
N GLU C 183 -14.33 -17.80 22.28
CA GLU C 183 -13.34 -18.06 23.33
C GLU C 183 -13.91 -19.02 24.38
N LEU C 184 -13.04 -19.82 25.02
CA LEU C 184 -13.45 -20.88 25.96
C LEU C 184 -12.76 -20.68 27.32
N THR C 190 -22.02 -20.18 28.49
CA THR C 190 -22.78 -18.96 28.81
C THR C 190 -23.73 -18.55 27.67
N VAL C 191 -23.20 -18.41 26.45
CA VAL C 191 -23.93 -18.02 25.24
C VAL C 191 -24.17 -19.27 24.38
N CYS C 192 -25.34 -19.89 24.48
CA CYS C 192 -25.71 -21.11 23.73
C CYS C 192 -27.13 -21.02 23.16
N GLY C 193 -27.42 -21.70 22.03
CA GLY C 193 -28.71 -21.54 21.35
C GLY C 193 -29.03 -22.69 20.37
#